data_7H6E
#
_entry.id   7H6E
#
_cell.length_a   59.080
_cell.length_b   59.140
_cell.length_c   72.490
_cell.angle_alpha   90.00
_cell.angle_beta   90.00
_cell.angle_gamma   90.00
#
_symmetry.space_group_name_H-M   'P 21 21 21'
#
loop_
_entity.id
_entity.type
_entity.pdbx_description
1 polymer Chymase
2 non-polymer 'ZINC ION'
3 non-polymer 5-fluoro-N-[2-(methanesulfonyl)-4-(pyridin-4-yl)phenyl]-3-methyl-1-benzothiophene-2-sulfonamide
4 water water
#
_entity_poly.entity_id   1
_entity_poly.type   'polypeptide(L)'
_entity_poly.pdbx_seq_one_letter_code
;IIGGTESKPHSRPYMAYLEIVTSNGPSKFCGGFLIRRNFVLTAAHCAGRSITVTLGAHNITEEEDTWQKLEVIKQFRHPK
YNTSTLHHDIMLLKLKEKASLTLAVGTLPFPSQKNFVPPGRMCRVAGWGRTGVLKPGSDTLQEVKLRLMDPQACSHFRDF
DHNLQLCVGNPRKTKSAFKGDSGGPLLCAGVAQGIVSYGRSDAKPPAVFTRISHYRPWINQILQAN
;
_entity_poly.pdbx_strand_id   A
#
loop_
_chem_comp.id
_chem_comp.type
_chem_comp.name
_chem_comp.formula
A1AOP non-polymer 5-fluoro-N-[2-(methanesulfonyl)-4-(pyridin-4-yl)phenyl]-3-methyl-1-benzothiophene-2-sulfonamide 'C21 H17 F N2 O4 S3'
ZN non-polymer 'ZINC ION' 'Zn 2'
#
# COMPACT_ATOMS: atom_id res chain seq x y z
N ILE A 1 0.36 -4.75 9.84
CA ILE A 1 1.79 -5.13 9.92
C ILE A 1 1.99 -6.05 11.14
N ILE A 2 2.56 -7.26 10.91
CA ILE A 2 2.85 -8.24 11.94
C ILE A 2 4.35 -8.22 12.19
N GLY A 3 4.74 -8.20 13.48
CA GLY A 3 6.13 -8.26 13.89
C GLY A 3 6.89 -6.97 13.64
N GLY A 4 6.15 -5.87 13.45
CA GLY A 4 6.75 -4.59 13.10
C GLY A 4 7.07 -3.71 14.32
N THR A 5 7.36 -2.45 14.06
CA THR A 5 7.61 -1.43 15.08
C THR A 5 6.74 -0.23 14.72
N GLU A 6 6.22 0.47 15.73
CA GLU A 6 5.54 1.74 15.57
C GLU A 6 6.50 2.68 14.86
N SER A 7 6.11 3.22 13.70
CA SER A 7 6.90 4.20 12.98
C SER A 7 7.17 5.40 13.91
N LYS A 8 8.29 6.05 13.68
CA LYS A 8 8.56 7.37 14.21
C LYS A 8 7.54 8.28 13.56
N PRO A 9 6.72 9.00 14.36
CA PRO A 9 5.65 9.81 13.82
C PRO A 9 6.14 10.64 12.63
N HIS A 10 5.39 10.58 11.51
CA HIS A 10 5.62 11.43 10.32
C HIS A 10 6.92 11.16 9.60
N SER A 11 7.58 10.04 9.94
CA SER A 11 8.82 9.70 9.25
C SER A 11 8.57 9.06 7.89
N ARG A 12 7.31 8.71 7.53
CA ARG A 12 7.06 8.12 6.23
C ARG A 12 6.01 9.00 5.56
N PRO A 13 6.36 10.24 5.21
CA PRO A 13 5.37 11.30 4.97
C PRO A 13 4.56 11.15 3.68
N TYR A 14 4.91 10.14 2.90
CA TYR A 14 4.19 9.71 1.69
C TYR A 14 3.00 8.81 2.04
N MET A 15 2.95 8.29 3.29
CA MET A 15 1.92 7.32 3.61
C MET A 15 0.55 7.96 3.63
N ALA A 16 -0.42 7.23 3.03
CA ALA A 16 -1.81 7.66 2.93
C ALA A 16 -2.68 6.58 3.58
N TYR A 17 -3.75 7.05 4.24
CA TYR A 17 -4.69 6.22 4.92
C TYR A 17 -6.00 6.46 4.20
N LEU A 18 -6.54 5.37 3.66
CA LEU A 18 -7.64 5.38 2.73
C LEU A 18 -8.89 4.86 3.47
N GLU A 19 -9.94 5.68 3.41
N GLU A 19 -9.94 5.68 3.50
CA GLU A 19 -11.23 5.34 3.96
CA GLU A 19 -11.19 5.19 4.00
C GLU A 19 -12.17 5.13 2.77
C GLU A 19 -12.14 5.11 2.81
N ILE A 20 -12.57 3.87 2.56
CA ILE A 20 -13.29 3.50 1.34
C ILE A 20 -14.71 3.13 1.71
N VAL A 21 -15.65 3.85 1.11
CA VAL A 21 -17.04 3.47 1.17
C VAL A 21 -17.28 2.46 0.07
N THR A 22 -17.43 1.18 0.46
CA THR A 22 -17.56 0.06 -0.48
C THR A 22 -18.82 0.21 -1.34
N SER A 23 -18.75 -0.21 -2.61
CA SER A 23 -19.71 0.18 -3.63
C SER A 23 -21.11 -0.33 -3.29
N ASN A 24 -21.14 -1.34 -2.42
CA ASN A 24 -22.36 -1.95 -1.92
C ASN A 24 -22.74 -1.40 -0.54
N GLY A 25 -21.95 -1.68 0.52
CA GLY A 25 -22.35 -1.34 1.89
C GLY A 25 -21.29 -0.63 2.77
N PRO A 26 -20.58 -1.37 3.67
CA PRO A 26 -19.81 -0.74 4.75
C PRO A 26 -18.53 -0.02 4.30
N SER A 27 -17.73 0.45 5.28
CA SER A 27 -16.47 1.12 5.05
C SER A 27 -15.29 0.16 5.23
N LYS A 28 -14.30 0.29 4.36
CA LYS A 28 -13.04 -0.40 4.60
C LYS A 28 -11.89 0.60 4.46
N PHE A 29 -10.70 0.08 4.76
CA PHE A 29 -9.46 0.82 4.97
C PHE A 29 -8.32 0.08 4.26
N CYS A 30 -7.51 0.90 3.58
CA CYS A 30 -6.29 0.50 2.90
C CYS A 30 -5.15 1.50 3.21
N GLY A 31 -3.97 1.14 2.79
CA GLY A 31 -2.87 2.07 2.72
C GLY A 31 -2.81 2.55 1.27
N GLY A 32 -1.75 3.31 1.03
CA GLY A 32 -1.51 4.00 -0.21
C GLY A 32 -0.33 4.94 0.00
N PHE A 33 0.13 5.56 -1.09
CA PHE A 33 1.19 6.56 -0.99
C PHE A 33 1.02 7.65 -2.02
N LEU A 34 1.39 8.87 -1.58
CA LEU A 34 1.33 10.04 -2.42
C LEU A 34 2.60 10.03 -3.33
N ILE A 35 2.38 10.12 -4.66
CA ILE A 35 3.43 10.13 -5.68
C ILE A 35 3.44 11.43 -6.46
N ARG A 36 2.36 12.21 -6.41
CA ARG A 36 2.34 13.61 -6.84
C ARG A 36 1.40 14.38 -5.92
N ARG A 37 1.41 15.73 -6.01
CA ARG A 37 0.63 16.49 -5.07
C ARG A 37 -0.81 15.99 -5.08
N ASN A 38 -1.35 15.63 -6.23
CA ASN A 38 -2.74 15.18 -6.26
C ASN A 38 -2.93 13.76 -6.78
N PHE A 39 -1.93 12.90 -6.58
CA PHE A 39 -2.12 11.49 -6.88
C PHE A 39 -1.59 10.54 -5.80
N VAL A 40 -2.41 9.53 -5.53
CA VAL A 40 -2.11 8.44 -4.62
C VAL A 40 -2.07 7.10 -5.36
N LEU A 41 -1.08 6.29 -5.03
N LEU A 41 -1.04 6.31 -5.08
CA LEU A 41 -1.01 4.97 -5.64
CA LEU A 41 -0.96 4.95 -5.58
C LEU A 41 -1.38 3.94 -4.58
C LEU A 41 -1.52 4.02 -4.52
N THR A 42 -2.27 3.01 -4.92
CA THR A 42 -2.76 2.00 -4.00
C THR A 42 -3.07 0.69 -4.75
N ALA A 43 -3.71 -0.25 -4.06
CA ALA A 43 -4.14 -1.48 -4.72
C ALA A 43 -5.50 -1.29 -5.40
N ALA A 44 -5.72 -1.95 -6.55
CA ALA A 44 -7.01 -1.99 -7.21
C ALA A 44 -8.09 -2.62 -6.31
N HIS A 45 -7.80 -3.63 -5.49
CA HIS A 45 -8.85 -4.17 -4.63
C HIS A 45 -9.38 -3.19 -3.57
N CYS A 46 -8.75 -2.03 -3.40
CA CYS A 46 -9.24 -1.05 -2.46
C CYS A 46 -10.25 -0.11 -3.11
N ALA A 47 -10.70 -0.37 -4.34
CA ALA A 47 -11.64 0.58 -4.93
C ALA A 47 -12.96 0.48 -4.21
N GLY A 48 -13.87 1.42 -4.50
CA GLY A 48 -15.10 1.58 -3.75
C GLY A 48 -15.96 2.67 -4.36
N ARG A 49 -17.06 2.99 -3.71
CA ARG A 49 -17.97 4.01 -4.23
C ARG A 49 -17.24 5.34 -4.16
N SER A 50 -16.57 5.54 -3.03
CA SER A 50 -15.91 6.80 -2.80
C SER A 50 -14.82 6.56 -1.78
N ILE A 51 -13.81 7.43 -1.81
CA ILE A 51 -12.61 7.22 -1.01
C ILE A 51 -12.20 8.57 -0.46
N THR A 52 -11.73 8.52 0.78
CA THR A 52 -11.07 9.65 1.41
C THR A 52 -9.65 9.29 1.73
N VAL A 53 -8.73 10.24 1.55
CA VAL A 53 -7.35 10.01 1.88
C VAL A 53 -6.95 10.92 3.03
N THR A 54 -6.29 10.36 4.05
CA THR A 54 -5.72 11.14 5.10
C THR A 54 -4.19 11.04 4.97
N LEU A 55 -3.59 12.18 4.70
CA LEU A 55 -2.16 12.39 4.71
C LEU A 55 -1.69 13.05 6.02
N GLY A 56 -0.41 12.89 6.35
CA GLY A 56 0.19 13.52 7.52
C GLY A 56 -0.14 12.76 8.81
N ALA A 57 -0.77 11.59 8.71
CA ALA A 57 -1.24 10.97 9.95
C ALA A 57 -0.17 10.06 10.56
N HIS A 58 -0.29 9.83 11.87
CA HIS A 58 0.45 8.78 12.56
C HIS A 58 -0.55 7.89 13.28
N ASN A 59 -1.26 8.50 14.23
CA ASN A 59 -2.29 7.79 14.95
C ASN A 59 -3.57 8.23 14.31
N ILE A 60 -4.28 7.29 13.67
N ILE A 60 -4.28 7.29 13.67
CA ILE A 60 -5.37 7.69 12.80
CA ILE A 60 -5.38 7.66 12.80
C ILE A 60 -6.64 8.00 13.59
C ILE A 60 -6.60 8.09 13.61
N THR A 61 -6.63 7.83 14.91
CA THR A 61 -7.74 8.35 15.73
C THR A 61 -7.41 9.73 16.31
N GLU A 62 -6.27 10.31 15.96
CA GLU A 62 -5.84 11.58 16.52
C GLU A 62 -5.58 12.61 15.42
N GLU A 63 -6.48 13.56 15.28
CA GLU A 63 -6.27 14.61 14.31
C GLU A 63 -5.15 15.49 14.84
N GLU A 64 -4.27 15.89 13.93
CA GLU A 64 -3.17 16.75 14.21
C GLU A 64 -3.16 17.83 13.17
N ASP A 65 -2.37 18.85 13.49
CA ASP A 65 -2.08 19.94 12.59
C ASP A 65 -1.39 19.47 11.30
N THR A 66 -0.67 18.34 11.35
CA THR A 66 -0.10 17.74 10.14
C THR A 66 -1.11 17.18 9.15
N TRP A 67 -2.31 16.88 9.58
CA TRP A 67 -3.19 16.13 8.70
C TRP A 67 -3.56 16.95 7.47
N GLN A 68 -3.79 16.23 6.38
CA GLN A 68 -4.47 16.78 5.21
C GLN A 68 -5.37 15.66 4.73
N LYS A 69 -6.66 15.90 4.79
CA LYS A 69 -7.67 14.91 4.53
C LYS A 69 -8.46 15.38 3.31
N LEU A 70 -8.45 14.57 2.26
CA LEU A 70 -8.77 14.92 0.89
C LEU A 70 -9.66 13.84 0.31
N GLU A 71 -10.71 14.29 -0.38
CA GLU A 71 -11.60 13.41 -1.13
C GLU A 71 -10.98 12.93 -2.44
N VAL A 72 -11.29 11.69 -2.81
CA VAL A 72 -10.87 11.25 -4.12
C VAL A 72 -11.90 11.66 -5.16
N ILE A 73 -11.44 12.28 -6.24
CA ILE A 73 -12.40 12.68 -7.27
C ILE A 73 -12.41 11.71 -8.45
N LYS A 74 -11.35 10.90 -8.67
CA LYS A 74 -11.35 9.91 -9.73
C LYS A 74 -10.46 8.71 -9.41
N GLN A 75 -10.98 7.48 -9.64
CA GLN A 75 -10.23 6.24 -9.43
C GLN A 75 -9.80 5.67 -10.77
N PHE A 76 -8.49 5.51 -10.94
CA PHE A 76 -7.98 4.88 -12.13
C PHE A 76 -7.50 3.47 -11.83
N ARG A 77 -8.42 2.53 -11.86
CA ARG A 77 -8.08 1.14 -11.67
C ARG A 77 -7.40 0.61 -12.91
N HIS A 78 -6.43 -0.29 -12.72
CA HIS A 78 -5.77 -0.89 -13.86
C HIS A 78 -6.81 -1.58 -14.74
N PRO A 79 -6.84 -1.29 -16.05
CA PRO A 79 -7.93 -1.80 -16.91
C PRO A 79 -7.97 -3.33 -17.09
N LYS A 80 -6.88 -4.01 -16.77
CA LYS A 80 -6.74 -5.45 -16.86
C LYS A 80 -6.77 -6.07 -15.47
N TYR A 81 -7.15 -5.28 -14.46
CA TYR A 81 -7.31 -5.82 -13.12
C TYR A 81 -8.29 -6.98 -13.19
N ASN A 82 -8.04 -8.01 -12.36
CA ASN A 82 -8.80 -9.25 -12.29
C ASN A 82 -9.09 -9.54 -10.83
N THR A 83 -10.39 -9.51 -10.47
CA THR A 83 -10.84 -9.55 -9.09
C THR A 83 -10.60 -10.94 -8.53
N SER A 84 -10.37 -11.95 -9.40
CA SER A 84 -10.21 -13.31 -8.93
C SER A 84 -8.72 -13.59 -8.75
N THR A 85 -7.89 -13.38 -9.78
CA THR A 85 -6.45 -13.69 -9.71
C THR A 85 -5.57 -12.61 -9.05
N LEU A 86 -6.15 -11.42 -8.83
CA LEU A 86 -5.47 -10.18 -8.46
C LEU A 86 -4.27 -9.85 -9.35
N HIS A 87 -4.27 -10.24 -10.62
CA HIS A 87 -3.33 -9.66 -11.57
C HIS A 87 -3.60 -8.16 -11.74
N HIS A 88 -2.55 -7.37 -11.88
CA HIS A 88 -2.65 -5.92 -12.11
C HIS A 88 -3.32 -5.22 -10.91
N ASP A 89 -2.96 -5.62 -9.69
CA ASP A 89 -3.60 -5.05 -8.51
C ASP A 89 -3.01 -3.67 -8.20
N ILE A 90 -3.39 -2.68 -9.02
CA ILE A 90 -2.84 -1.35 -8.89
C ILE A 90 -3.91 -0.34 -9.29
N MET A 91 -3.94 0.79 -8.59
CA MET A 91 -4.94 1.81 -8.83
C MET A 91 -4.32 3.16 -8.48
N LEU A 92 -4.57 4.13 -9.34
CA LEU A 92 -4.22 5.52 -9.05
C LEU A 92 -5.44 6.26 -8.59
N LEU A 93 -5.28 7.13 -7.57
CA LEU A 93 -6.38 7.98 -7.11
C LEU A 93 -6.00 9.42 -7.34
N LYS A 94 -6.85 10.16 -8.08
CA LYS A 94 -6.73 11.58 -8.20
C LYS A 94 -7.45 12.30 -7.04
N LEU A 95 -6.73 13.23 -6.39
CA LEU A 95 -7.32 13.97 -5.26
C LEU A 95 -7.99 15.26 -5.72
N LYS A 96 -8.91 15.75 -4.90
CA LYS A 96 -9.75 16.85 -5.30
C LYS A 96 -8.92 18.12 -5.38
N GLU A 97 -7.93 18.24 -4.54
CA GLU A 97 -6.93 19.28 -4.74
C GLU A 97 -5.57 18.71 -4.40
N LYS A 98 -4.56 19.55 -4.61
CA LYS A 98 -3.18 19.21 -4.38
C LYS A 98 -2.87 19.32 -2.90
N ALA A 99 -2.20 18.29 -2.39
CA ALA A 99 -1.70 18.31 -1.04
C ALA A 99 -0.64 19.41 -0.92
N SER A 100 -0.58 20.07 0.24
CA SER A 100 0.51 20.99 0.56
C SER A 100 1.72 20.17 1.02
N LEU A 101 2.88 20.33 0.38
CA LEU A 101 4.06 19.63 0.86
C LEU A 101 4.55 20.27 2.15
N THR A 102 4.73 19.44 3.18
CA THR A 102 5.13 19.85 4.52
C THR A 102 6.12 18.80 4.98
N LEU A 103 6.73 18.99 6.13
CA LEU A 103 7.59 17.95 6.66
C LEU A 103 6.84 16.62 6.75
N ALA A 104 5.54 16.67 7.11
CA ALA A 104 4.76 15.50 7.43
C ALA A 104 4.08 14.88 6.21
N VAL A 105 3.99 15.65 5.10
CA VAL A 105 3.29 15.28 3.89
C VAL A 105 4.23 15.58 2.73
N GLY A 106 4.74 14.51 2.12
CA GLY A 106 5.61 14.58 0.97
C GLY A 106 5.26 13.51 -0.04
N THR A 107 5.74 13.69 -1.27
CA THR A 107 5.59 12.69 -2.31
C THR A 107 6.74 11.67 -2.25
N LEU A 108 6.49 10.47 -2.76
CA LEU A 108 7.49 9.40 -2.79
C LEU A 108 8.04 9.25 -4.22
N PRO A 109 9.38 9.43 -4.40
CA PRO A 109 10.06 9.09 -5.66
C PRO A 109 10.06 7.64 -6.18
N PHE A 110 10.40 7.56 -7.48
CA PHE A 110 10.66 6.31 -8.20
C PHE A 110 12.16 6.17 -8.48
N VAL A 117 15.73 -0.80 -13.00
CA VAL A 117 16.56 -0.47 -11.80
C VAL A 117 16.25 -1.48 -10.69
N PRO A 118 17.02 -2.61 -10.59
CA PRO A 118 16.54 -3.86 -9.99
C PRO A 118 16.79 -4.00 -8.49
N PRO A 119 15.81 -4.49 -7.68
CA PRO A 119 15.85 -4.31 -6.22
C PRO A 119 16.84 -5.23 -5.50
N GLY A 120 17.30 -4.81 -4.31
CA GLY A 120 18.06 -5.65 -3.39
C GLY A 120 17.14 -6.49 -2.49
N ARG A 121 17.65 -7.02 -1.37
CA ARG A 121 16.94 -8.02 -0.57
C ARG A 121 16.14 -7.42 0.59
N MET A 122 16.63 -6.38 1.25
CA MET A 122 15.97 -5.98 2.48
C MET A 122 15.10 -4.75 2.19
N CYS A 123 13.80 -4.90 2.45
CA CYS A 123 12.81 -3.93 2.02
C CYS A 123 11.97 -3.60 3.25
N ARG A 124 11.09 -2.61 3.15
CA ARG A 124 10.37 -2.13 4.30
C ARG A 124 8.98 -1.75 3.80
N VAL A 125 7.98 -2.14 4.61
CA VAL A 125 6.60 -1.76 4.37
C VAL A 125 5.98 -1.23 5.66
N ALA A 126 5.02 -0.30 5.51
CA ALA A 126 4.36 0.37 6.60
C ALA A 126 2.85 0.39 6.37
N GLY A 127 2.09 0.40 7.44
CA GLY A 127 0.65 0.48 7.32
C GLY A 127 -0.06 0.42 8.66
N TRP A 128 -1.38 0.59 8.60
CA TRP A 128 -2.19 0.60 9.81
C TRP A 128 -3.03 -0.66 9.94
N GLY A 129 -2.58 -1.74 9.28
CA GLY A 129 -3.36 -2.95 9.21
C GLY A 129 -3.21 -3.73 10.50
N ARG A 130 -3.74 -4.92 10.46
CA ARG A 130 -3.79 -5.81 11.59
C ARG A 130 -2.40 -6.26 11.98
N THR A 131 -2.26 -6.52 13.27
CA THR A 131 -0.95 -6.79 13.83
C THR A 131 -0.77 -8.28 14.10
N GLY A 132 -1.70 -9.08 13.59
CA GLY A 132 -1.69 -10.52 13.84
C GLY A 132 -2.96 -11.09 13.24
N VAL A 133 -3.04 -12.42 13.12
CA VAL A 133 -4.13 -13.01 12.34
C VAL A 133 -5.51 -12.41 12.69
N LEU A 134 -5.83 -12.54 13.99
CA LEU A 134 -7.15 -12.19 14.54
C LEU A 134 -7.06 -10.93 15.42
N LYS A 135 -6.08 -10.07 15.11
N LYS A 135 -6.01 -10.12 15.17
CA LYS A 135 -5.81 -8.87 15.90
CA LYS A 135 -5.73 -8.93 15.95
C LYS A 135 -6.52 -7.67 15.25
C LYS A 135 -6.43 -7.74 15.29
N PRO A 136 -6.79 -6.61 16.03
CA PRO A 136 -7.24 -5.34 15.46
C PRO A 136 -6.22 -4.69 14.52
N GLY A 137 -6.72 -3.78 13.68
CA GLY A 137 -5.89 -2.78 13.02
C GLY A 137 -5.00 -2.00 14.00
N SER A 138 -3.91 -1.43 13.53
CA SER A 138 -3.12 -0.56 14.38
C SER A 138 -3.67 0.87 14.28
N ASP A 139 -3.89 1.50 15.43
CA ASP A 139 -4.15 2.93 15.42
C ASP A 139 -2.92 3.69 14.91
N THR A 140 -1.71 3.20 15.26
CA THR A 140 -0.48 3.88 14.88
C THR A 140 0.11 3.22 13.65
N LEU A 141 0.86 4.00 12.88
CA LEU A 141 1.57 3.45 11.74
C LEU A 141 2.68 2.54 12.23
N GLN A 142 2.64 1.31 11.71
CA GLN A 142 3.65 0.31 11.99
C GLN A 142 4.51 0.14 10.72
N GLU A 143 5.72 -0.36 10.90
CA GLU A 143 6.55 -0.67 9.75
C GLU A 143 7.34 -1.94 10.08
N VAL A 144 7.77 -2.66 9.04
CA VAL A 144 8.57 -3.86 9.23
C VAL A 144 9.53 -4.02 8.06
N LYS A 145 10.69 -4.61 8.35
CA LYS A 145 11.67 -4.93 7.33
C LYS A 145 11.39 -6.36 6.86
N LEU A 146 11.23 -6.58 5.55
CA LEU A 146 10.97 -7.89 4.97
C LEU A 146 12.01 -8.21 3.89
N ARG A 147 12.30 -9.50 3.70
CA ARG A 147 13.23 -9.93 2.66
C ARG A 147 12.48 -10.18 1.35
N LEU A 148 12.95 -9.58 0.26
CA LEU A 148 12.45 -9.96 -1.04
C LEU A 148 12.89 -11.39 -1.41
N MET A 149 11.96 -12.27 -1.74
CA MET A 149 12.27 -13.67 -1.99
C MET A 149 12.30 -13.95 -3.47
N ASP A 150 12.98 -15.04 -3.86
CA ASP A 150 12.84 -15.54 -5.21
C ASP A 150 11.39 -15.88 -5.50
N PRO A 151 10.99 -15.85 -6.78
CA PRO A 151 9.59 -16.13 -7.14
C PRO A 151 9.16 -17.56 -6.84
N GLN A 152 10.10 -18.49 -6.80
CA GLN A 152 9.78 -19.84 -6.40
C GLN A 152 9.09 -19.96 -5.02
N ALA A 153 9.48 -19.11 -4.07
CA ALA A 153 9.03 -19.07 -2.70
C ALA A 153 7.55 -18.76 -2.67
N CYS A 154 7.03 -18.18 -3.78
CA CYS A 154 5.61 -17.95 -3.90
C CYS A 154 4.93 -18.94 -4.85
N SER A 155 5.59 -20.07 -5.19
CA SER A 155 5.00 -20.99 -6.17
C SER A 155 3.66 -21.57 -5.71
N HIS A 156 3.42 -21.54 -4.41
CA HIS A 156 2.19 -22.07 -3.85
C HIS A 156 0.99 -21.18 -4.10
N PHE A 157 1.17 -19.93 -4.55
CA PHE A 157 0.07 -19.06 -5.00
C PHE A 157 -0.16 -19.31 -6.48
N ARG A 158 -1.28 -19.96 -6.84
CA ARG A 158 -1.36 -20.57 -8.15
C ARG A 158 -1.24 -19.50 -9.24
N ASP A 159 -1.85 -18.31 -9.01
CA ASP A 159 -1.87 -17.23 -9.99
C ASP A 159 -0.70 -16.24 -9.83
N PHE A 160 0.38 -16.61 -9.11
CA PHE A 160 1.55 -15.73 -9.02
C PHE A 160 2.26 -15.62 -10.35
N ASP A 161 2.95 -14.50 -10.59
CA ASP A 161 3.62 -14.22 -11.85
C ASP A 161 4.73 -13.22 -11.60
N HIS A 162 5.96 -13.73 -11.70
CA HIS A 162 7.19 -13.03 -11.39
C HIS A 162 7.31 -11.71 -12.13
N ASN A 163 6.71 -11.64 -13.32
CA ASN A 163 6.77 -10.44 -14.12
C ASN A 163 5.90 -9.33 -13.53
N LEU A 164 4.73 -9.70 -13.00
CA LEU A 164 3.79 -8.74 -12.48
C LEU A 164 4.06 -8.48 -10.98
N GLN A 165 4.84 -9.30 -10.27
CA GLN A 165 4.65 -9.40 -8.82
C GLN A 165 5.95 -9.70 -8.11
N LEU A 166 6.07 -9.15 -6.90
CA LEU A 166 7.12 -9.47 -5.95
C LEU A 166 6.66 -10.51 -4.91
N CYS A 167 7.63 -11.29 -4.43
CA CYS A 167 7.38 -12.31 -3.43
C CYS A 167 8.13 -11.85 -2.20
N VAL A 168 7.35 -11.56 -1.13
CA VAL A 168 7.90 -10.75 -0.05
C VAL A 168 7.67 -11.37 1.33
N GLY A 169 8.76 -11.53 2.10
CA GLY A 169 8.70 -12.04 3.46
C GLY A 169 9.29 -13.46 3.58
N ASN A 170 10.40 -13.56 4.31
CA ASN A 170 10.96 -14.82 4.74
C ASN A 170 9.94 -15.66 5.51
N PRO A 171 9.64 -16.91 5.10
CA PRO A 171 8.61 -17.70 5.76
C PRO A 171 9.00 -18.21 7.15
N ARG A 172 10.29 -18.12 7.49
CA ARG A 172 10.76 -18.58 8.79
C ARG A 172 10.33 -17.65 9.91
N LYS A 173 10.20 -16.35 9.58
CA LYS A 173 9.80 -15.34 10.55
C LYS A 173 8.30 -15.03 10.40
N THR A 174 7.70 -14.38 11.40
CA THR A 174 6.31 -13.95 11.32
C THR A 174 6.08 -12.54 10.74
N LYS A 175 7.18 -11.80 10.53
N LYS A 175 7.17 -11.81 10.49
CA LYS A 175 7.13 -10.46 9.94
CA LYS A 175 7.09 -10.46 9.96
C LYS A 175 6.42 -10.52 8.59
C LYS A 175 6.46 -10.48 8.57
N SER A 176 5.35 -9.71 8.44
CA SER A 176 4.60 -9.63 7.21
C SER A 176 3.74 -8.36 7.16
N ALA A 177 3.39 -7.91 5.95
CA ALA A 177 2.20 -7.09 5.76
C ALA A 177 1.01 -8.01 5.96
N PHE A 178 -0.13 -7.42 6.34
CA PHE A 178 -1.31 -8.22 6.54
C PHE A 178 -2.55 -7.43 6.09
N LYS A 179 -3.75 -7.95 6.46
CA LYS A 179 -5.01 -7.28 6.22
C LYS A 179 -4.96 -5.81 6.66
N GLY A 180 -5.55 -4.90 5.87
CA GLY A 180 -5.51 -3.47 6.20
C GLY A 180 -4.25 -2.79 5.65
N ASP A 181 -3.20 -3.57 5.33
CA ASP A 181 -1.95 -2.99 4.81
C ASP A 181 -1.95 -2.86 3.28
N SER A 182 -3.01 -3.40 2.63
CA SER A 182 -3.23 -3.28 1.20
C SER A 182 -2.93 -1.89 0.70
N GLY A 183 -2.29 -1.82 -0.46
CA GLY A 183 -2.05 -0.56 -1.16
C GLY A 183 -0.81 0.20 -0.67
N GLY A 184 -0.29 -0.14 0.50
CA GLY A 184 0.90 0.51 0.97
C GLY A 184 2.12 0.09 0.14
N PRO A 185 3.15 0.97 0.09
CA PRO A 185 4.32 0.72 -0.70
C PRO A 185 5.33 -0.12 0.05
N LEU A 186 6.02 -1.00 -0.70
CA LEU A 186 7.26 -1.62 -0.27
C LEU A 186 8.47 -0.83 -0.80
N LEU A 187 9.35 -0.36 0.09
CA LEU A 187 10.52 0.35 -0.33
C LEU A 187 11.70 -0.58 -0.13
N CYS A 188 12.61 -0.49 -1.10
CA CYS A 188 13.90 -1.17 -1.08
C CYS A 188 14.93 -0.05 -1.35
N ALA A 189 15.86 0.15 -0.42
CA ALA A 189 16.77 1.28 -0.57
C ALA A 189 16.02 2.57 -0.87
N GLY A 190 15.00 2.90 -0.07
CA GLY A 190 14.41 4.22 -0.18
C GLY A 190 13.65 4.40 -1.49
N VAL A 191 13.59 3.32 -2.31
CA VAL A 191 12.84 3.36 -3.56
C VAL A 191 11.67 2.39 -3.53
N ALA A 192 10.54 2.90 -4.01
CA ALA A 192 9.27 2.19 -4.05
C ALA A 192 9.31 1.09 -5.10
N GLN A 193 9.26 -0.18 -4.67
CA GLN A 193 9.31 -1.29 -5.59
C GLN A 193 8.00 -2.09 -5.65
N GLY A 194 7.20 -2.14 -4.58
CA GLY A 194 6.02 -3.01 -4.55
C GLY A 194 4.82 -2.31 -3.93
N ILE A 195 3.66 -2.95 -4.05
CA ILE A 195 2.39 -2.54 -3.43
C ILE A 195 1.79 -3.78 -2.78
N VAL A 196 1.49 -3.72 -1.47
CA VAL A 196 0.89 -4.85 -0.78
C VAL A 196 -0.35 -5.27 -1.57
N SER A 197 -0.43 -6.55 -1.91
CA SER A 197 -1.60 -7.06 -2.65
C SER A 197 -2.34 -8.10 -1.81
N TYR A 198 -1.74 -9.28 -1.63
CA TYR A 198 -2.43 -10.35 -0.93
C TYR A 198 -1.44 -11.37 -0.38
N GLY A 199 -1.99 -12.34 0.38
CA GLY A 199 -1.18 -13.43 0.92
C GLY A 199 -2.10 -14.48 1.50
N ARG A 200 -1.57 -15.27 2.45
CA ARG A 200 -2.35 -16.24 3.17
C ARG A 200 -3.13 -15.59 4.31
N SER A 201 -4.38 -16.00 4.46
CA SER A 201 -5.19 -15.48 5.54
C SER A 201 -4.67 -15.98 6.87
N ASP A 202 -3.78 -16.99 6.94
CA ASP A 202 -3.16 -17.34 8.22
C ASP A 202 -1.84 -16.59 8.41
N ALA A 203 -1.58 -15.66 7.50
CA ALA A 203 -0.46 -14.77 7.70
C ALA A 203 0.94 -15.41 7.51
N LYS A 204 1.06 -16.69 7.10
CA LYS A 204 2.39 -17.28 6.87
C LYS A 204 3.02 -16.62 5.63
N PRO A 205 4.14 -15.89 5.78
CA PRO A 205 4.81 -15.30 4.64
C PRO A 205 5.27 -16.39 3.69
N PRO A 206 5.69 -16.05 2.44
CA PRO A 206 5.75 -14.67 1.97
C PRO A 206 4.37 -14.16 1.55
N ALA A 207 4.23 -12.87 1.28
CA ALA A 207 3.04 -12.37 0.60
C ALA A 207 3.39 -11.87 -0.81
N VAL A 208 2.35 -11.43 -1.52
CA VAL A 208 2.37 -11.02 -2.90
C VAL A 208 2.12 -9.51 -2.96
N PHE A 209 3.03 -8.83 -3.62
CA PHE A 209 2.91 -7.41 -3.89
C PHE A 209 2.94 -7.19 -5.40
N THR A 210 2.33 -6.10 -5.85
CA THR A 210 2.37 -5.66 -7.22
C THR A 210 3.77 -5.14 -7.54
N ARG A 211 4.35 -5.59 -8.67
CA ARG A 211 5.65 -5.11 -9.13
C ARG A 211 5.45 -3.78 -9.86
N ILE A 212 5.84 -2.68 -9.19
CA ILE A 212 5.59 -1.33 -9.66
C ILE A 212 6.29 -1.04 -11.01
N SER A 213 7.51 -1.57 -11.21
CA SER A 213 8.27 -1.32 -12.43
C SER A 213 7.51 -1.81 -13.66
N HIS A 214 6.78 -2.90 -13.53
CA HIS A 214 6.04 -3.39 -14.70
C HIS A 214 5.03 -2.36 -15.17
N TYR A 215 4.49 -1.56 -14.23
CA TYR A 215 3.34 -0.72 -14.50
C TYR A 215 3.72 0.74 -14.77
N ARG A 216 5.00 1.05 -14.81
CA ARG A 216 5.46 2.44 -14.97
C ARG A 216 4.95 3.17 -16.22
N PRO A 217 4.80 2.53 -17.40
CA PRO A 217 4.21 3.22 -18.53
C PRO A 217 2.76 3.63 -18.31
N TRP A 218 1.98 2.73 -17.72
CA TRP A 218 0.59 3.04 -17.40
C TRP A 218 0.50 4.20 -16.39
N ILE A 219 1.35 4.19 -15.34
CA ILE A 219 1.35 5.27 -14.36
C ILE A 219 1.66 6.58 -15.08
N ASN A 220 2.76 6.62 -15.87
CA ASN A 220 3.20 7.80 -16.62
C ASN A 220 2.09 8.33 -17.53
N GLN A 221 1.40 7.41 -18.20
CA GLN A 221 0.27 7.74 -19.04
C GLN A 221 -0.81 8.47 -18.24
N ILE A 222 -1.20 7.94 -17.05
CA ILE A 222 -2.31 8.52 -16.29
C ILE A 222 -1.84 9.89 -15.76
N LEU A 223 -0.63 9.94 -15.20
CA LEU A 223 -0.10 11.20 -14.68
C LEU A 223 -0.03 12.27 -15.77
N GLN A 224 0.57 11.91 -16.93
CA GLN A 224 0.81 12.88 -18.00
C GLN A 224 -0.50 13.46 -18.51
N ALA A 225 -1.62 12.74 -18.32
CA ALA A 225 -2.91 13.02 -18.92
C ALA A 225 -3.99 13.43 -17.91
N ASN A 226 -3.63 13.60 -16.63
CA ASN A 226 -4.58 14.03 -15.61
C ASN A 226 -3.88 14.85 -14.51
ZN ZN B . 2.19 13.78 15.05
C2 A1AOP C . -5.14 -10.81 2.90
C4 A1AOP C . -7.36 -11.33 -1.21
C5 A1AOP C . -4.42 -9.72 2.55
F27 A1AOP C . 0.20 -8.76 2.81
C23 A1AOP C . -0.79 -9.58 2.99
C26 A1AOP C . -0.49 -10.86 3.55
C19 A1AOP C . -1.52 -11.71 3.75
C10 A1AOP C . -2.76 -11.21 3.40
S3 A1AOP C . -4.24 -12.10 3.60
C17 A1AOP C . -1.96 -9.11 2.55
C8 A1AOP C . -3.03 -9.95 2.82
C25 A1AOP C . -5.02 -8.46 1.95
S1 A1AOP C . -6.87 -11.01 2.77
O12 A1AOP C . -7.00 -12.33 3.33
O13 A1AOP C . -7.41 -9.77 3.34
N7 A1AOP C . -7.42 -10.83 1.14
C9 A1AOP C . -7.03 -11.71 0.10
C18 A1AOP C . -6.31 -12.91 0.33
C21 A1AOP C . -5.96 -13.70 -0.72
C14 A1AOP C . -6.32 -13.30 -2.03
C22 A1AOP C . -5.96 -14.11 -3.20
C30 A1AOP C . -5.84 -13.45 -4.49
C28 A1AOP C . -5.52 -14.24 -5.60
C31 A1AOP C . -5.72 -15.52 -3.02
C29 A1AOP C . -5.39 -16.27 -4.15
N20 A1AOP C . -5.30 -15.64 -5.42
C11 A1AOP C . -7.09 -12.12 -2.28
S6 A1AOP C . -8.23 -9.90 -1.49
O15 A1AOP C . -8.53 -9.93 -2.90
O16 A1AOP C . -9.48 -10.02 -0.76
C24 A1AOP C . -7.09 -8.58 -1.05
#